data_1EQ9
#
_entry.id   1EQ9
#
_cell.length_a   61.120
_cell.length_b   85.840
_cell.length_c   97.610
_cell.angle_alpha   90.00
_cell.angle_beta   90.00
_cell.angle_gamma   90.00
#
_symmetry.space_group_name_H-M   'P 21 21 21'
#
loop_
_entity.id
_entity.type
_entity.pdbx_description
1 polymer CHYMOTRYPSIN
2 non-polymer 'phenylmethanesulfonic acid'
3 water water
#
_entity_poly.entity_id   1
_entity_poly.type   'polypeptide(L)'
_entity_poly.pdbx_seq_one_letter_code
;IVGGKDAPVGKYPYQVSLRLSGSHRCGASILDNNNVLTAAHCVDGLSNLNRLKVHVGTNYLSESGDVYDVEDAVVNKNYD
DFLLRNDVALVHLTNPIKFNDLVQPIKLSTNDEDLESNPCTLTGWGSTRLGGNTPNALQEIELIVHPQKQCERDQWRVID
SHICTLTKRGEGACHGDSGGPLVANGAQIGIVSFGSPCALGEPDVYTRVSSFVSWINANLKK
;
_entity_poly.pdbx_strand_id   A,B
#
loop_
_chem_comp.id
_chem_comp.type
_chem_comp.name
_chem_comp.formula
PMS non-polymer 'phenylmethanesulfonic acid' 'C7 H8 O3 S'
#
# COMPACT_ATOMS: atom_id res chain seq x y z
N ILE A 1 -11.62 -11.97 0.98
CA ILE A 1 -11.06 -13.24 0.47
C ILE A 1 -11.69 -13.62 -0.86
N VAL A 2 -10.84 -13.90 -1.85
CA VAL A 2 -11.30 -14.30 -3.17
C VAL A 2 -11.20 -15.81 -3.27
N GLY A 3 -12.25 -16.46 -3.77
CA GLY A 3 -12.23 -17.90 -3.92
C GLY A 3 -12.45 -18.72 -2.67
N GLY A 4 -13.00 -18.10 -1.63
CA GLY A 4 -13.24 -18.81 -0.40
C GLY A 4 -14.68 -19.31 -0.32
N LYS A 5 -15.14 -19.56 0.91
CA LYS A 5 -16.50 -20.03 1.12
C LYS A 5 -17.04 -19.47 2.44
N ASP A 6 -18.36 -19.45 2.59
CA ASP A 6 -18.96 -18.96 3.82
C ASP A 6 -18.50 -19.86 4.97
N ALA A 7 -18.00 -19.23 6.04
CA ALA A 7 -17.54 -19.98 7.19
C ALA A 7 -18.71 -20.39 8.07
N PRO A 8 -18.63 -21.58 8.69
CA PRO A 8 -19.70 -22.05 9.58
C PRO A 8 -19.79 -21.13 10.78
N VAL A 9 -20.99 -20.96 11.34
CA VAL A 9 -21.15 -20.11 12.51
C VAL A 9 -20.36 -20.67 13.70
N GLY A 10 -19.58 -19.81 14.34
CA GLY A 10 -18.80 -20.22 15.49
C GLY A 10 -17.53 -21.02 15.25
N LYS A 11 -17.18 -21.28 13.99
CA LYS A 11 -15.99 -22.07 13.70
C LYS A 11 -14.70 -21.33 14.00
N TYR A 12 -14.73 -20.00 13.91
CA TYR A 12 -13.55 -19.17 14.17
C TYR A 12 -13.85 -18.16 15.26
N PRO A 13 -13.93 -18.61 16.52
CA PRO A 13 -14.24 -17.74 17.66
C PRO A 13 -13.21 -16.67 18.00
N TYR A 14 -12.02 -16.76 17.42
CA TYR A 14 -10.96 -15.78 17.68
C TYR A 14 -10.99 -14.63 16.68
N GLN A 15 -11.85 -14.74 15.67
CA GLN A 15 -11.96 -13.71 14.64
C GLN A 15 -12.59 -12.42 15.14
N VAL A 16 -11.96 -11.31 14.80
CA VAL A 16 -12.43 -9.98 15.18
C VAL A 16 -12.68 -9.12 13.96
N SER A 17 -13.69 -8.27 14.05
CA SER A 17 -14.00 -7.32 12.99
C SER A 17 -13.79 -5.95 13.62
N LEU A 18 -12.79 -5.20 13.14
CA LEU A 18 -12.55 -3.86 13.66
C LEU A 18 -13.40 -2.93 12.80
N ARG A 19 -14.36 -2.25 13.43
CA ARG A 19 -15.24 -1.36 12.69
C ARG A 19 -15.06 0.10 13.11
N LEU A 20 -15.00 0.98 12.11
CA LEU A 20 -14.83 2.40 12.33
C LEU A 20 -16.16 3.08 12.04
N SER A 21 -16.77 3.65 13.07
CA SER A 21 -18.07 4.30 12.94
C SER A 21 -19.09 3.36 12.33
N GLY A 22 -19.04 2.10 12.76
CA GLY A 22 -19.98 1.10 12.28
C GLY A 22 -19.62 0.32 11.04
N SER A 23 -18.57 0.71 10.32
CA SER A 23 -18.18 0.01 9.10
C SER A 23 -16.89 -0.80 9.22
N HIS A 24 -16.92 -2.03 8.72
CA HIS A 24 -15.75 -2.91 8.77
C HIS A 24 -14.55 -2.25 8.13
N ARG A 25 -13.42 -2.25 8.84
CA ARG A 25 -12.18 -1.66 8.33
C ARG A 25 -11.10 -2.72 8.15
N CYS A 26 -10.95 -3.59 9.14
CA CYS A 26 -9.94 -4.63 9.11
C CYS A 26 -10.28 -5.81 10.00
N GLY A 27 -9.56 -6.89 9.79
CA GLY A 27 -9.74 -8.07 10.61
C GLY A 27 -8.74 -7.94 11.75
N ALA A 28 -8.84 -8.82 12.74
CA ALA A 28 -7.94 -8.84 13.87
C ALA A 28 -8.20 -10.14 14.61
N SER A 29 -7.43 -10.42 15.65
CA SER A 29 -7.62 -11.66 16.41
C SER A 29 -7.55 -11.40 17.90
N ILE A 30 -8.20 -12.26 18.68
CA ILE A 30 -8.23 -12.15 20.13
C ILE A 30 -7.03 -12.86 20.75
N LEU A 31 -6.23 -12.12 21.51
CA LEU A 31 -5.06 -12.71 22.18
C LEU A 31 -5.44 -13.13 23.60
N ASP A 32 -6.13 -12.24 24.31
CA ASP A 32 -6.61 -12.51 25.66
C ASP A 32 -7.77 -11.57 25.99
N ASN A 33 -8.16 -11.49 27.26
CA ASN A 33 -9.29 -10.64 27.64
C ASN A 33 -9.18 -9.14 27.35
N ASN A 34 -7.96 -8.62 27.29
CA ASN A 34 -7.79 -7.19 27.04
C ASN A 34 -6.99 -6.82 25.79
N ASN A 35 -6.55 -7.81 25.01
CA ASN A 35 -5.75 -7.49 23.84
C ASN A 35 -6.17 -8.14 22.53
N VAL A 36 -6.18 -7.32 21.48
CA VAL A 36 -6.54 -7.79 20.14
C VAL A 36 -5.35 -7.50 19.23
N LEU A 37 -4.97 -8.46 18.40
CA LEU A 37 -3.84 -8.30 17.49
C LEU A 37 -4.29 -7.95 16.08
N THR A 38 -3.62 -6.96 15.47
CA THR A 38 -3.96 -6.54 14.12
C THR A 38 -2.75 -5.97 13.40
N ALA A 39 -2.96 -5.39 12.22
CA ALA A 39 -1.88 -4.79 11.45
C ALA A 39 -1.78 -3.30 11.80
N ALA A 40 -0.56 -2.79 11.85
CA ALA A 40 -0.35 -1.38 12.17
C ALA A 40 -1.03 -0.52 11.10
N HIS A 41 -1.03 -1.01 9.87
CA HIS A 41 -1.63 -0.30 8.76
C HIS A 41 -3.08 0.05 9.03
N CYS A 42 -3.74 -0.79 9.82
CA CYS A 42 -5.15 -0.61 10.15
C CYS A 42 -5.47 0.47 11.18
N VAL A 43 -4.52 0.79 12.05
CA VAL A 43 -4.79 1.77 13.09
C VAL A 43 -3.83 2.95 13.18
N ASP A 44 -2.70 2.87 12.49
CA ASP A 44 -1.70 3.94 12.55
C ASP A 44 -2.23 5.33 12.22
N GLY A 45 -3.10 5.44 11.21
CA GLY A 45 -3.60 6.75 10.84
C GLY A 45 -4.86 7.25 11.52
N LEU A 46 -5.33 6.56 12.55
CA LEU A 46 -6.55 6.97 13.24
C LEU A 46 -6.31 8.04 14.30
N SER A 47 -7.09 9.11 14.23
CA SER A 47 -6.96 10.23 15.17
C SER A 47 -7.87 10.10 16.39
N ASN A 48 -9.03 9.47 16.22
CA ASN A 48 -9.97 9.28 17.33
C ASN A 48 -10.39 7.83 17.45
N LEU A 49 -9.81 7.14 18.43
CA LEU A 49 -10.10 5.73 18.64
C LEU A 49 -11.48 5.46 19.22
N ASN A 50 -12.14 6.50 19.71
CA ASN A 50 -13.47 6.33 20.27
C ASN A 50 -14.46 5.84 19.22
N ARG A 51 -14.10 6.01 17.95
CA ARG A 51 -14.94 5.59 16.85
C ARG A 51 -14.58 4.19 16.34
N LEU A 52 -13.52 3.61 16.90
CA LEU A 52 -13.09 2.27 16.51
C LEU A 52 -13.61 1.27 17.54
N LYS A 53 -14.36 0.28 17.08
CA LYS A 53 -14.92 -0.73 17.97
C LYS A 53 -14.47 -2.13 17.59
N VAL A 54 -14.37 -2.99 18.60
CA VAL A 54 -13.98 -4.39 18.43
C VAL A 54 -15.23 -5.25 18.47
N HIS A 55 -15.51 -5.95 17.37
CA HIS A 55 -16.69 -6.80 17.29
C HIS A 55 -16.31 -8.28 17.24
N VAL A 56 -16.86 -9.05 18.17
CA VAL A 56 -16.59 -10.48 18.23
C VAL A 56 -17.88 -11.27 18.43
N GLY A 57 -17.78 -12.59 18.31
CA GLY A 57 -18.94 -13.44 18.51
C GLY A 57 -19.95 -13.49 17.37
N THR A 58 -19.58 -13.01 16.19
CA THR A 58 -20.50 -13.03 15.06
C THR A 58 -19.78 -13.26 13.73
N ASN A 59 -20.49 -13.88 12.79
CA ASN A 59 -19.96 -14.19 11.47
C ASN A 59 -20.45 -13.16 10.44
N TYR A 60 -21.33 -12.27 10.87
CA TYR A 60 -21.93 -11.30 9.97
C TYR A 60 -21.68 -9.83 10.27
N LEU A 61 -21.46 -9.05 9.22
CA LEU A 61 -21.23 -7.62 9.40
C LEU A 61 -22.54 -6.92 9.75
N SER A 62 -23.65 -7.54 9.34
CA SER A 62 -24.97 -6.97 9.62
C SER A 62 -25.35 -7.13 11.09
N GLU A 63 -24.55 -7.91 11.83
CA GLU A 63 -24.80 -8.13 13.24
C GLU A 63 -23.72 -7.45 14.07
N SER A 64 -24.07 -7.05 15.28
CA SER A 64 -23.13 -6.39 16.17
C SER A 64 -22.29 -7.36 16.98
N GLY A 65 -22.86 -8.51 17.32
CA GLY A 65 -22.13 -9.49 18.12
C GLY A 65 -21.85 -8.81 19.46
N ASP A 66 -20.73 -9.16 20.09
CA ASP A 66 -20.35 -8.53 21.36
C ASP A 66 -19.40 -7.40 20.98
N VAL A 67 -19.67 -6.20 21.48
CA VAL A 67 -18.86 -5.04 21.14
C VAL A 67 -18.03 -4.52 22.30
N TYR A 68 -16.74 -4.31 22.05
CA TYR A 68 -15.84 -3.80 23.08
C TYR A 68 -15.19 -2.50 22.63
N ASP A 69 -14.91 -1.65 23.60
CA ASP A 69 -14.34 -0.35 23.32
C ASP A 69 -12.82 -0.34 23.40
N VAL A 70 -12.23 0.52 22.59
CA VAL A 70 -10.78 0.64 22.51
C VAL A 70 -10.23 1.72 23.43
N GLU A 71 -9.29 1.33 24.28
CA GLU A 71 -8.66 2.24 25.22
C GLU A 71 -7.46 2.90 24.54
N ASP A 72 -6.70 2.11 23.79
CA ASP A 72 -5.54 2.63 23.07
C ASP A 72 -5.04 1.60 22.07
N ALA A 73 -4.21 2.06 21.15
CA ALA A 73 -3.63 1.20 20.13
C ALA A 73 -2.12 1.42 20.16
N VAL A 74 -1.37 0.33 20.26
CA VAL A 74 0.08 0.41 20.30
C VAL A 74 0.67 -0.08 18.99
N VAL A 75 1.28 0.82 18.24
CA VAL A 75 1.89 0.49 16.96
C VAL A 75 3.39 0.27 17.11
N ASN A 76 3.91 -0.79 16.49
CA ASN A 76 5.33 -1.09 16.55
C ASN A 76 6.09 0.17 16.11
N LYS A 77 7.03 0.62 16.95
CA LYS A 77 7.79 1.82 16.64
C LYS A 77 8.59 1.75 15.34
N ASN A 78 8.84 0.53 14.87
CA ASN A 78 9.61 0.34 13.64
C ASN A 78 8.76 0.12 12.40
N TYR A 79 7.46 0.31 12.54
CA TYR A 79 6.55 0.16 11.40
C TYR A 79 6.94 1.13 10.29
N ASP A 80 7.11 0.62 9.09
CA ASP A 80 7.46 1.45 7.94
C ASP A 80 6.38 1.23 6.88
N ASP A 81 5.59 2.27 6.65
CA ASP A 81 4.48 2.25 5.69
C ASP A 81 4.94 2.23 4.24
N PHE A 82 6.18 2.61 3.99
CA PHE A 82 6.68 2.61 2.63
C PHE A 82 7.31 1.28 2.25
N LEU A 83 8.15 0.76 3.15
CA LEU A 83 8.83 -0.52 2.92
C LEU A 83 7.96 -1.69 3.34
N LEU A 84 6.83 -1.39 3.99
CA LEU A 84 5.91 -2.43 4.43
C LEU A 84 6.56 -3.41 5.38
N ARG A 85 7.19 -2.91 6.44
CA ARG A 85 7.86 -3.77 7.41
C ARG A 85 7.31 -3.54 8.81
N ASN A 86 7.39 -4.57 9.65
CA ASN A 86 6.94 -4.48 11.03
C ASN A 86 5.48 -4.02 11.14
N ASP A 87 4.64 -4.54 10.26
CA ASP A 87 3.22 -4.20 10.23
C ASP A 87 2.48 -4.97 11.31
N VAL A 88 2.58 -4.49 12.55
CA VAL A 88 1.93 -5.15 13.67
C VAL A 88 1.52 -4.12 14.72
N ALA A 89 0.36 -4.35 15.32
CA ALA A 89 -0.14 -3.46 16.35
C ALA A 89 -1.04 -4.19 17.32
N LEU A 90 -1.16 -3.64 18.53
CA LEU A 90 -2.03 -4.21 19.54
C LEU A 90 -3.10 -3.18 19.86
N VAL A 91 -4.32 -3.67 20.08
CA VAL A 91 -5.44 -2.81 20.43
C VAL A 91 -5.80 -3.21 21.86
N HIS A 92 -5.69 -2.25 22.78
CA HIS A 92 -6.02 -2.50 24.19
C HIS A 92 -7.48 -2.17 24.42
N LEU A 93 -8.18 -3.06 25.12
CA LEU A 93 -9.60 -2.85 25.40
C LEU A 93 -9.81 -2.21 26.77
N THR A 94 -10.85 -1.38 26.87
CA THR A 94 -11.15 -0.69 28.12
C THR A 94 -11.69 -1.69 29.14
N ASN A 95 -12.57 -2.57 28.68
CA ASN A 95 -13.17 -3.62 29.52
C ASN A 95 -12.81 -4.99 28.95
N PRO A 96 -12.65 -6.00 29.81
CA PRO A 96 -12.30 -7.35 29.40
C PRO A 96 -13.35 -8.12 28.60
N ILE A 97 -12.89 -8.89 27.62
CA ILE A 97 -13.79 -9.68 26.79
C ILE A 97 -14.29 -10.87 27.59
N LYS A 98 -15.57 -11.19 27.44
CA LYS A 98 -16.17 -12.33 28.13
C LYS A 98 -16.14 -13.51 27.17
N PHE A 99 -15.29 -14.49 27.44
CA PHE A 99 -15.20 -15.66 26.57
C PHE A 99 -16.38 -16.60 26.69
N ASN A 100 -16.69 -17.29 25.59
CA ASN A 100 -17.77 -18.26 25.53
C ASN A 100 -17.55 -19.13 24.31
N ASP A 101 -18.54 -19.93 23.94
CA ASP A 101 -18.40 -20.82 22.79
C ASP A 101 -18.12 -20.08 21.48
N LEU A 102 -18.58 -18.84 21.38
CA LEU A 102 -18.39 -18.05 20.16
C LEU A 102 -17.25 -17.05 20.23
N VAL A 103 -16.67 -16.89 21.41
CA VAL A 103 -15.58 -15.94 21.60
C VAL A 103 -14.44 -16.58 22.40
N GLN A 104 -13.33 -16.82 21.72
CA GLN A 104 -12.17 -17.43 22.35
C GLN A 104 -10.87 -16.84 21.79
N PRO A 105 -9.78 -16.91 22.58
CA PRO A 105 -8.50 -16.38 22.12
C PRO A 105 -7.79 -17.41 21.25
N ILE A 106 -6.72 -16.99 20.58
CA ILE A 106 -5.95 -17.89 19.73
C ILE A 106 -4.50 -17.86 20.17
N LYS A 107 -3.84 -19.01 20.11
CA LYS A 107 -2.44 -19.14 20.51
C LYS A 107 -1.53 -18.57 19.41
N LEU A 108 -0.42 -17.97 19.82
CA LEU A 108 0.52 -17.41 18.85
C LEU A 108 1.60 -18.44 18.52
N SER A 109 2.03 -18.47 17.27
CA SER A 109 3.08 -19.41 16.88
C SER A 109 4.42 -18.96 17.43
N THR A 110 5.11 -19.89 18.09
CA THR A 110 6.43 -19.61 18.66
C THR A 110 7.43 -20.55 18.01
N ASN A 111 6.96 -21.32 17.03
CA ASN A 111 7.79 -22.28 16.31
C ASN A 111 7.22 -22.45 14.90
N ASP A 112 7.96 -21.99 13.90
CA ASP A 112 7.53 -22.06 12.52
C ASP A 112 8.08 -23.23 11.73
N GLU A 113 8.56 -24.27 12.41
CA GLU A 113 9.13 -25.41 11.69
C GLU A 113 8.08 -26.22 10.92
N ASP A 114 8.46 -26.64 9.71
CA ASP A 114 7.61 -27.44 8.84
C ASP A 114 6.35 -26.76 8.32
N LEU A 115 6.33 -25.44 8.35
CA LEU A 115 5.17 -24.71 7.85
C LEU A 115 5.13 -24.60 6.33
N GLU A 116 6.28 -24.35 5.74
CA GLU A 116 6.37 -24.18 4.30
C GLU A 116 5.79 -25.31 3.45
N SER A 117 5.10 -24.90 2.38
CA SER A 117 4.46 -25.81 1.43
C SER A 117 3.32 -26.64 2.05
N ASN A 118 2.96 -26.30 3.29
CA ASN A 118 1.89 -27.00 3.98
C ASN A 118 0.66 -26.09 4.11
N PRO A 119 -0.52 -26.68 4.34
CA PRO A 119 -1.77 -25.92 4.47
C PRO A 119 -1.86 -24.96 5.65
N CYS A 120 -2.72 -23.96 5.49
CA CYS A 120 -2.97 -22.97 6.51
C CYS A 120 -4.35 -22.39 6.20
N THR A 121 -4.95 -21.73 7.18
CA THR A 121 -6.28 -21.18 7.01
C THR A 121 -6.33 -19.67 7.17
N LEU A 122 -7.07 -19.01 6.29
CA LEU A 122 -7.25 -17.56 6.35
C LEU A 122 -8.74 -17.26 6.43
N THR A 123 -9.11 -16.29 7.24
CA THR A 123 -10.50 -15.91 7.40
C THR A 123 -10.62 -14.38 7.37
N GLY A 124 -11.77 -13.89 6.94
CA GLY A 124 -11.96 -12.45 6.90
C GLY A 124 -13.18 -12.01 6.13
N TRP A 125 -13.48 -10.71 6.22
CA TRP A 125 -14.62 -10.11 5.53
C TRP A 125 -14.15 -9.23 4.37
N GLY A 126 -12.95 -9.49 3.86
CA GLY A 126 -12.45 -8.70 2.74
C GLY A 126 -13.27 -8.96 1.49
N SER A 127 -13.06 -8.14 0.46
CA SER A 127 -13.78 -8.28 -0.80
C SER A 127 -13.58 -9.67 -1.39
N THR A 128 -14.57 -10.14 -2.15
CA THR A 128 -14.47 -11.45 -2.79
C THR A 128 -13.98 -11.31 -4.22
N ARG A 129 -13.62 -10.08 -4.59
CA ARG A 129 -13.08 -9.75 -5.91
C ARG A 129 -12.56 -8.32 -5.84
N LEU A 130 -11.52 -8.01 -6.61
CA LEU A 130 -10.98 -6.66 -6.59
C LEU A 130 -12.05 -5.68 -7.04
N GLY A 131 -12.24 -4.63 -6.24
CA GLY A 131 -13.25 -3.63 -6.58
C GLY A 131 -14.65 -4.07 -6.17
N GLY A 132 -14.73 -5.18 -5.45
CA GLY A 132 -16.02 -5.68 -5.02
C GLY A 132 -16.39 -5.25 -3.61
N ASN A 133 -17.66 -5.43 -3.26
CA ASN A 133 -18.17 -5.06 -1.95
C ASN A 133 -17.79 -6.13 -0.93
N THR A 134 -17.79 -5.74 0.33
CA THR A 134 -17.47 -6.67 1.40
C THR A 134 -18.64 -7.64 1.59
N PRO A 135 -18.34 -8.94 1.75
CA PRO A 135 -19.41 -9.93 1.94
C PRO A 135 -19.94 -9.80 3.36
N ASN A 136 -21.21 -10.11 3.56
CA ASN A 136 -21.77 -10.02 4.90
C ASN A 136 -21.28 -11.17 5.76
N ALA A 137 -21.17 -12.35 5.14
CA ALA A 137 -20.73 -13.55 5.84
C ALA A 137 -19.22 -13.73 5.85
N LEU A 138 -18.68 -14.09 7.02
CA LEU A 138 -17.26 -14.32 7.16
C LEU A 138 -16.85 -15.42 6.17
N GLN A 139 -15.73 -15.20 5.49
CA GLN A 139 -15.22 -16.17 4.51
C GLN A 139 -14.03 -16.93 5.08
N GLU A 140 -13.84 -18.14 4.58
CA GLU A 140 -12.72 -18.98 5.01
C GLU A 140 -12.08 -19.57 3.75
N ILE A 141 -10.79 -19.87 3.83
CA ILE A 141 -10.10 -20.46 2.69
C ILE A 141 -8.83 -21.15 3.15
N GLU A 142 -8.52 -22.28 2.53
CA GLU A 142 -7.31 -23.01 2.86
C GLU A 142 -6.27 -22.65 1.82
N LEU A 143 -5.11 -22.20 2.29
CA LEU A 143 -4.02 -21.82 1.42
C LEU A 143 -2.80 -22.69 1.70
N ILE A 144 -1.68 -22.33 1.10
CA ILE A 144 -0.42 -23.05 1.26
C ILE A 144 0.65 -22.01 1.60
N VAL A 145 1.52 -22.32 2.55
CA VAL A 145 2.59 -21.38 2.88
C VAL A 145 3.63 -21.45 1.76
N HIS A 146 3.90 -20.30 1.16
CA HIS A 146 4.86 -20.20 0.05
C HIS A 146 6.27 -20.13 0.62
N PRO A 147 7.17 -21.05 0.21
CA PRO A 147 8.54 -21.05 0.72
C PRO A 147 9.18 -19.66 0.74
N GLN A 148 9.77 -19.32 1.88
CA GLN A 148 10.39 -18.00 2.05
C GLN A 148 11.38 -17.66 0.94
N LYS A 149 12.24 -18.62 0.62
CA LYS A 149 13.25 -18.43 -0.41
C LYS A 149 12.61 -18.00 -1.73
N GLN A 150 11.48 -18.61 -2.05
CA GLN A 150 10.77 -18.27 -3.28
C GLN A 150 10.05 -16.93 -3.15
N CYS A 151 9.42 -16.70 -2.00
CA CYS A 151 8.70 -15.46 -1.81
C CYS A 151 9.63 -14.25 -1.90
N GLU A 152 10.87 -14.43 -1.45
CA GLU A 152 11.84 -13.34 -1.49
C GLU A 152 12.14 -12.94 -2.93
N ARG A 153 12.04 -13.90 -3.85
CA ARG A 153 12.30 -13.64 -5.26
C ARG A 153 11.03 -13.13 -5.96
N ASP A 154 9.88 -13.60 -5.50
CA ASP A 154 8.60 -13.25 -6.09
C ASP A 154 7.96 -11.92 -5.72
N GLN A 155 8.15 -11.48 -4.47
CA GLN A 155 7.56 -10.20 -4.05
C GLN A 155 8.59 -9.12 -3.76
N TRP A 156 8.11 -7.93 -3.47
CA TRP A 156 8.97 -6.79 -3.22
C TRP A 156 9.43 -6.64 -1.77
N ARG A 157 10.76 -6.58 -1.61
CA ARG A 157 11.39 -6.41 -0.30
C ARG A 157 10.88 -7.26 0.85
N VAL A 158 10.74 -8.56 0.60
CA VAL A 158 10.28 -9.49 1.63
C VAL A 158 11.48 -9.81 2.52
N ILE A 159 11.28 -9.78 3.83
CA ILE A 159 12.35 -10.09 4.77
C ILE A 159 11.94 -11.23 5.69
N ASP A 160 12.83 -11.60 6.59
CA ASP A 160 12.57 -12.70 7.52
C ASP A 160 11.37 -12.56 8.43
N SER A 161 10.94 -11.33 8.70
CA SER A 161 9.79 -11.13 9.57
C SER A 161 8.46 -11.16 8.80
N HIS A 162 8.51 -11.68 7.58
CA HIS A 162 7.32 -11.83 6.73
C HIS A 162 7.11 -13.32 6.51
N ILE A 163 5.89 -13.69 6.17
CA ILE A 163 5.57 -15.08 5.84
C ILE A 163 4.61 -14.94 4.64
N CYS A 164 4.66 -15.88 3.71
CA CYS A 164 3.80 -15.76 2.53
C CYS A 164 2.91 -16.97 2.24
N THR A 165 1.91 -16.74 1.41
CA THR A 165 1.01 -17.82 0.98
C THR A 165 0.80 -17.69 -0.51
N LEU A 166 0.46 -18.79 -1.15
CA LEU A 166 0.21 -18.79 -2.58
C LEU A 166 -0.33 -20.14 -3.04
N THR A 167 -1.40 -20.09 -3.81
CA THR A 167 -1.97 -21.29 -4.39
C THR A 167 -1.99 -21.01 -5.88
N LYS A 168 -3.01 -20.29 -6.33
CA LYS A 168 -3.15 -19.94 -7.73
C LYS A 168 -4.04 -18.72 -7.91
N ARG A 169 -4.11 -18.21 -9.14
CA ARG A 169 -4.95 -17.07 -9.44
C ARG A 169 -6.39 -17.46 -9.10
N GLY A 170 -7.13 -16.55 -8.48
CA GLY A 170 -8.51 -16.85 -8.11
C GLY A 170 -8.69 -17.17 -6.64
N GLU A 171 -7.58 -17.25 -5.91
CA GLU A 171 -7.61 -17.53 -4.47
C GLU A 171 -6.62 -16.61 -3.77
N GLY A 172 -7.08 -15.93 -2.73
CA GLY A 172 -6.19 -15.03 -2.01
C GLY A 172 -6.89 -13.98 -1.18
N ALA A 173 -6.10 -13.20 -0.46
CA ALA A 173 -6.62 -12.14 0.39
C ALA A 173 -7.04 -10.94 -0.46
N CYS A 174 -7.85 -10.05 0.11
CA CYS A 174 -8.27 -8.86 -0.62
C CYS A 174 -8.57 -7.75 0.39
N HIS A 175 -8.83 -6.55 -0.12
CA HIS A 175 -9.12 -5.39 0.73
C HIS A 175 -10.16 -5.72 1.79
N GLY A 176 -9.84 -5.40 3.04
CA GLY A 176 -10.73 -5.70 4.13
C GLY A 176 -10.24 -6.87 4.95
N ASP A 177 -9.32 -7.66 4.39
CA ASP A 177 -8.77 -8.82 5.11
C ASP A 177 -7.54 -8.46 5.93
N SER A 178 -6.94 -7.32 5.61
CA SER A 178 -5.76 -6.86 6.32
C SER A 178 -5.95 -6.90 7.83
N GLY A 179 -4.90 -7.29 8.55
CA GLY A 179 -4.96 -7.37 9.99
C GLY A 179 -5.48 -8.69 10.50
N GLY A 180 -6.11 -9.45 9.60
CA GLY A 180 -6.67 -10.75 9.93
C GLY A 180 -5.67 -11.86 10.22
N PRO A 181 -6.16 -12.95 10.84
CA PRO A 181 -5.31 -14.09 11.19
C PRO A 181 -5.12 -15.22 10.18
N LEU A 182 -3.86 -15.60 9.97
CA LEU A 182 -3.51 -16.73 9.11
C LEU A 182 -3.13 -17.78 10.16
N VAL A 183 -3.79 -18.93 10.13
CA VAL A 183 -3.52 -19.96 11.14
C VAL A 183 -3.15 -21.33 10.59
N ALA A 184 -2.43 -22.08 11.41
CA ALA A 184 -2.02 -23.43 11.05
C ALA A 184 -1.77 -24.20 12.34
N ASN A 185 -2.27 -25.42 12.41
CA ASN A 185 -2.06 -26.24 13.60
C ASN A 185 -2.61 -25.60 14.87
N GLY A 186 -3.66 -24.79 14.72
CA GLY A 186 -4.26 -24.15 15.88
C GLY A 186 -3.52 -22.94 16.45
N ALA A 187 -2.59 -22.39 15.68
CA ALA A 187 -1.82 -21.24 16.14
C ALA A 187 -1.76 -20.19 15.03
N GLN A 188 -1.78 -18.91 15.40
CA GLN A 188 -1.70 -17.87 14.39
C GLN A 188 -0.25 -17.69 13.97
N ILE A 189 0.01 -17.84 12.67
CA ILE A 189 1.36 -17.72 12.14
C ILE A 189 1.60 -16.42 11.38
N GLY A 190 0.51 -15.74 11.00
CA GLY A 190 0.66 -14.49 10.27
C GLY A 190 -0.47 -13.50 10.42
N ILE A 191 -0.19 -12.24 10.08
CA ILE A 191 -1.18 -11.17 10.12
C ILE A 191 -1.25 -10.65 8.68
N VAL A 192 -2.43 -10.64 8.08
CA VAL A 192 -2.55 -10.16 6.69
C VAL A 192 -1.98 -8.75 6.59
N SER A 193 -1.04 -8.54 5.68
CA SER A 193 -0.42 -7.23 5.52
C SER A 193 -0.54 -6.61 4.12
N PHE A 194 0.01 -7.28 3.11
CA PHE A 194 -0.07 -6.75 1.75
C PHE A 194 0.05 -7.83 0.68
N GLY A 195 -0.11 -7.42 -0.57
CA GLY A 195 -0.01 -8.36 -1.67
C GLY A 195 -0.20 -7.62 -2.96
N SER A 196 -0.65 -8.32 -3.99
CA SER A 196 -0.92 -7.72 -5.28
C SER A 196 -2.42 -7.78 -5.45
N PRO A 197 -3.11 -6.74 -4.98
CA PRO A 197 -4.55 -6.56 -5.00
C PRO A 197 -5.43 -7.64 -5.56
N CYS A 198 -5.58 -8.67 -4.74
CA CYS A 198 -6.48 -9.80 -4.96
C CYS A 198 -6.38 -10.93 -5.97
N ALA A 199 -5.80 -12.00 -5.47
CA ALA A 199 -5.67 -13.27 -6.15
C ALA A 199 -5.34 -13.26 -7.63
N LEU A 200 -4.22 -12.63 -7.99
CA LEU A 200 -3.80 -12.56 -9.37
C LEU A 200 -2.66 -13.55 -9.65
N GLY A 201 -2.42 -14.46 -8.72
CA GLY A 201 -1.35 -15.42 -8.92
C GLY A 201 -0.02 -15.06 -8.31
N GLU A 202 0.00 -13.97 -7.54
CA GLU A 202 1.22 -13.54 -6.86
C GLU A 202 1.01 -13.80 -5.37
N PRO A 203 2.08 -14.11 -4.64
CA PRO A 203 1.92 -14.37 -3.21
C PRO A 203 1.38 -13.23 -2.35
N ASP A 204 0.62 -13.60 -1.33
CA ASP A 204 0.09 -12.62 -0.37
C ASP A 204 1.13 -12.60 0.75
N VAL A 205 1.40 -11.43 1.31
CA VAL A 205 2.40 -11.31 2.36
C VAL A 205 1.80 -10.97 3.71
N TYR A 206 2.31 -11.64 4.73
CA TYR A 206 1.81 -11.45 6.10
C TYR A 206 2.96 -11.13 7.05
N THR A 207 2.61 -10.52 8.16
CA THR A 207 3.61 -10.24 9.19
C THR A 207 3.75 -11.59 9.88
N ARG A 208 4.99 -12.06 10.03
CA ARG A 208 5.25 -13.35 10.67
C ARG A 208 5.13 -13.17 12.18
N VAL A 209 4.11 -13.79 12.77
CA VAL A 209 3.87 -13.67 14.21
C VAL A 209 5.05 -14.07 15.10
N SER A 210 5.69 -15.18 14.80
CA SER A 210 6.81 -15.65 15.64
C SER A 210 7.92 -14.61 15.81
N SER A 211 8.09 -13.76 14.80
CA SER A 211 9.13 -12.73 14.86
C SER A 211 8.81 -11.60 15.84
N PHE A 212 7.55 -11.49 16.24
CA PHE A 212 7.15 -10.41 17.15
C PHE A 212 6.58 -10.86 18.49
N VAL A 213 6.71 -12.15 18.81
CA VAL A 213 6.16 -12.64 20.08
C VAL A 213 6.69 -11.81 21.26
N SER A 214 7.98 -11.54 21.26
CA SER A 214 8.59 -10.77 22.34
C SER A 214 7.99 -9.36 22.43
N TRP A 215 7.88 -8.70 21.28
CA TRP A 215 7.32 -7.35 21.24
C TRP A 215 5.88 -7.36 21.71
N ILE A 216 5.13 -8.38 21.31
CA ILE A 216 3.74 -8.50 21.71
C ILE A 216 3.62 -8.64 23.23
N ASN A 217 4.37 -9.57 23.81
CA ASN A 217 4.31 -9.79 25.24
C ASN A 217 4.71 -8.55 26.04
N ALA A 218 5.65 -7.79 25.49
CA ALA A 218 6.12 -6.58 26.17
C ALA A 218 5.11 -5.44 26.13
N ASN A 219 4.20 -5.47 25.16
CA ASN A 219 3.21 -4.40 25.04
C ASN A 219 1.78 -4.78 25.37
N LEU A 220 1.59 -5.96 25.96
CA LEU A 220 0.27 -6.42 26.35
C LEU A 220 -0.24 -5.49 27.45
N LYS A 221 -1.56 -5.28 27.50
CA LYS A 221 -2.13 -4.42 28.51
C LYS A 221 -1.74 -4.93 29.90
N LYS A 222 -1.61 -4.02 30.85
CA LYS A 222 -1.24 -4.39 32.21
C LYS A 222 -2.38 -5.11 32.92
N ILE B 1 8.84 0.38 -14.20
CA ILE B 1 7.91 0.20 -15.35
C ILE B 1 8.13 -1.16 -16.01
N VAL B 2 7.04 -1.90 -16.16
CA VAL B 2 7.08 -3.21 -16.79
C VAL B 2 6.67 -3.06 -18.25
N GLY B 3 7.43 -3.67 -19.15
CA GLY B 3 7.11 -3.61 -20.57
C GLY B 3 7.44 -2.31 -21.29
N GLY B 4 8.30 -1.50 -20.69
CA GLY B 4 8.68 -0.24 -21.32
C GLY B 4 9.96 -0.37 -22.11
N LYS B 5 10.62 0.76 -22.36
CA LYS B 5 11.87 0.76 -23.11
C LYS B 5 12.78 1.85 -22.58
N ASP B 6 14.07 1.72 -22.85
CA ASP B 6 15.04 2.72 -22.40
C ASP B 6 14.68 4.06 -23.02
N ALA B 7 14.60 5.09 -22.19
CA ALA B 7 14.26 6.42 -22.67
C ALA B 7 15.50 7.11 -23.25
N PRO B 8 15.32 7.89 -24.33
CA PRO B 8 16.46 8.59 -24.94
C PRO B 8 17.01 9.60 -23.94
N VAL B 9 18.31 9.87 -24.00
CA VAL B 9 18.90 10.84 -23.10
C VAL B 9 18.32 12.24 -23.34
N GLY B 10 17.88 12.88 -22.27
CA GLY B 10 17.34 14.23 -22.37
C GLY B 10 15.90 14.37 -22.87
N LYS B 11 15.25 13.26 -23.18
CA LYS B 11 13.87 13.34 -23.68
C LYS B 11 12.87 13.80 -22.62
N TYR B 12 13.15 13.47 -21.36
CA TYR B 12 12.26 13.86 -20.28
C TYR B 12 12.99 14.69 -19.23
N PRO B 13 13.29 15.97 -19.56
CA PRO B 13 14.00 16.89 -18.67
C PRO B 13 13.33 17.25 -17.36
N TYR B 14 12.04 16.96 -17.23
CA TYR B 14 11.30 17.26 -16.01
C TYR B 14 11.34 16.11 -14.99
N GLN B 15 11.89 14.97 -15.41
CA GLN B 15 11.97 13.80 -14.54
C GLN B 15 12.95 13.97 -13.39
N VAL B 16 12.51 13.59 -12.20
CA VAL B 16 13.31 13.68 -10.99
C VAL B 16 13.45 12.30 -10.36
N SER B 17 14.58 12.07 -9.71
CA SER B 17 14.82 10.83 -8.98
C SER B 17 15.06 11.26 -7.55
N LEU B 18 14.16 10.90 -6.65
CA LEU B 18 14.32 11.25 -5.23
C LEU B 18 15.12 10.10 -4.63
N ARG B 19 16.31 10.40 -4.12
CA ARG B 19 17.17 9.38 -3.55
C ARG B 19 17.38 9.57 -2.06
N LEU B 20 17.28 8.49 -1.31
CA LEU B 20 17.47 8.52 0.14
C LEU B 20 18.81 7.86 0.45
N SER B 21 19.74 8.66 0.96
CA SER B 21 21.08 8.17 1.27
C SER B 21 21.72 7.51 0.06
N GLY B 22 21.51 8.12 -1.10
CA GLY B 22 22.09 7.61 -2.32
C GLY B 22 21.30 6.61 -3.14
N SER B 23 20.21 6.07 -2.59
CA SER B 23 19.43 5.08 -3.32
C SER B 23 18.05 5.59 -3.76
N HIS B 24 17.72 5.31 -5.03
CA HIS B 24 16.43 5.73 -5.59
C HIS B 24 15.27 5.24 -4.73
N ARG B 25 14.36 6.14 -4.42
CA ARG B 25 13.19 5.81 -3.60
C ARG B 25 11.90 6.03 -4.37
N CYS B 26 11.81 7.17 -5.06
CA CYS B 26 10.61 7.51 -5.83
C CYS B 26 10.92 8.46 -6.98
N GLY B 27 9.94 8.58 -7.87
CA GLY B 27 10.07 9.50 -8.98
C GLY B 27 9.43 10.80 -8.52
N ALA B 28 9.55 11.85 -9.32
CA ALA B 28 8.98 13.15 -8.99
C ALA B 28 9.13 13.99 -10.24
N SER B 29 8.60 15.21 -10.22
CA SER B 29 8.69 16.09 -11.38
C SER B 29 9.01 17.53 -10.95
N ILE B 30 9.63 18.27 -11.86
CA ILE B 30 10.01 19.65 -11.62
C ILE B 30 8.87 20.61 -11.96
N LEU B 31 8.43 21.39 -10.98
CA LEU B 31 7.36 22.36 -11.20
C LEU B 31 7.98 23.71 -11.54
N ASP B 32 8.98 24.11 -10.78
CA ASP B 32 9.70 25.36 -11.02
C ASP B 32 11.06 25.31 -10.33
N ASN B 33 11.75 26.44 -10.23
CA ASN B 33 13.08 26.46 -9.62
C ASN B 33 13.21 25.97 -8.18
N ASN B 34 12.14 26.06 -7.39
CA ASN B 34 12.23 25.63 -6.00
C ASN B 34 11.26 24.54 -5.59
N ASN B 35 10.46 24.02 -6.52
CA ASN B 35 9.50 23.00 -6.13
C ASN B 35 9.46 21.75 -6.99
N VAL B 36 9.40 20.60 -6.33
CA VAL B 36 9.32 19.31 -7.00
C VAL B 36 8.04 18.63 -6.52
N LEU B 37 7.30 18.05 -7.47
CA LEU B 37 6.03 17.39 -7.16
C LEU B 37 6.20 15.87 -7.05
N THR B 38 5.62 15.28 -6.01
CA THR B 38 5.72 13.83 -5.82
C THR B 38 4.52 13.30 -5.03
N ALA B 39 4.56 12.03 -4.67
CA ALA B 39 3.49 11.42 -3.89
C ALA B 39 3.78 11.56 -2.40
N ALA B 40 2.73 11.78 -1.62
CA ALA B 40 2.88 11.90 -0.17
C ALA B 40 3.44 10.61 0.40
N HIS B 41 3.07 9.49 -0.23
CA HIS B 41 3.53 8.18 0.21
C HIS B 41 5.05 8.08 0.24
N CYS B 42 5.69 8.85 -0.62
CA CYS B 42 7.15 8.85 -0.75
C CYS B 42 7.92 9.62 0.32
N VAL B 43 7.28 10.60 0.96
CA VAL B 43 7.97 11.40 1.95
C VAL B 43 7.32 11.53 3.31
N ASP B 44 6.06 11.09 3.42
CA ASP B 44 5.35 11.20 4.69
C ASP B 44 6.04 10.53 5.87
N GLY B 45 6.57 9.33 5.64
CA GLY B 45 7.23 8.61 6.72
C GLY B 45 8.68 8.97 7.04
N LEU B 46 9.23 9.97 6.36
CA LEU B 46 10.61 10.37 6.58
C LEU B 46 10.75 11.38 7.72
N SER B 47 11.81 11.25 8.50
CA SER B 47 12.05 12.16 9.62
C SER B 47 13.26 13.06 9.41
N ASN B 48 14.30 12.55 8.74
CA ASN B 48 15.50 13.34 8.48
C ASN B 48 15.63 13.63 6.99
N LEU B 49 15.11 14.77 6.56
CA LEU B 49 15.14 15.16 5.15
C LEU B 49 16.54 15.51 4.66
N ASN B 50 17.52 15.50 5.54
CA ASN B 50 18.89 15.81 5.14
C ASN B 50 19.44 14.63 4.34
N ARG B 51 18.79 13.48 4.46
CA ARG B 51 19.18 12.25 3.78
C ARG B 51 18.54 12.15 2.40
N LEU B 52 17.54 12.97 2.15
CA LEU B 52 16.82 12.95 0.87
C LEU B 52 17.37 13.99 -0.10
N LYS B 53 17.71 13.56 -1.31
CA LYS B 53 18.24 14.47 -2.31
C LYS B 53 17.45 14.40 -3.61
N VAL B 54 17.40 15.52 -4.32
CA VAL B 54 16.69 15.65 -5.59
C VAL B 54 17.71 15.56 -6.71
N HIS B 55 17.56 14.56 -7.58
CA HIS B 55 18.49 14.37 -8.69
C HIS B 55 17.82 14.63 -10.03
N VAL B 56 18.41 15.53 -10.81
CA VAL B 56 17.87 15.86 -12.12
C VAL B 56 18.98 15.90 -13.16
N GLY B 57 18.59 16.01 -14.44
CA GLY B 57 19.58 16.08 -15.50
C GLY B 57 20.27 14.78 -15.89
N THR B 58 19.70 13.65 -15.48
CA THR B 58 20.29 12.36 -15.82
C THR B 58 19.25 11.27 -16.04
N ASN B 59 19.60 10.30 -16.87
CA ASN B 59 18.73 9.18 -17.19
C ASN B 59 19.17 7.94 -16.42
N TYR B 60 20.30 8.03 -15.72
CA TYR B 60 20.84 6.87 -15.02
C TYR B 60 20.96 7.00 -13.51
N LEU B 61 20.69 5.90 -12.81
CA LEU B 61 20.80 5.89 -11.36
C LEU B 61 22.26 5.85 -10.95
N SER B 62 23.10 5.35 -11.86
CA SER B 62 24.54 5.25 -11.59
C SER B 62 25.21 6.61 -11.69
N GLU B 63 24.48 7.60 -12.18
CA GLU B 63 25.00 8.96 -12.32
C GLU B 63 24.30 9.86 -11.32
N SER B 64 24.97 10.93 -10.91
CA SER B 64 24.41 11.87 -9.95
C SER B 64 23.61 12.98 -10.61
N GLY B 65 24.01 13.39 -11.80
CA GLY B 65 23.33 14.48 -12.48
C GLY B 65 23.49 15.72 -11.62
N ASP B 66 22.51 16.61 -11.64
CA ASP B 66 22.56 17.81 -10.82
C ASP B 66 21.80 17.48 -9.53
N VAL B 67 22.45 17.70 -8.39
CA VAL B 67 21.84 17.37 -7.11
C VAL B 67 21.43 18.58 -6.29
N TYR B 68 20.19 18.55 -5.79
CA TYR B 68 19.68 19.65 -4.99
C TYR B 68 19.25 19.16 -3.62
N ASP B 69 19.42 20.01 -2.63
CA ASP B 69 19.07 19.68 -1.26
C ASP B 69 17.65 20.07 -0.91
N VAL B 70 17.05 19.28 -0.02
CA VAL B 70 15.67 19.49 0.41
C VAL B 70 15.57 20.32 1.68
N GLU B 71 14.79 21.40 1.61
CA GLU B 71 14.60 22.29 2.74
C GLU B 71 13.43 21.77 3.59
N ASP B 72 12.37 21.33 2.91
CA ASP B 72 11.21 20.79 3.60
C ASP B 72 10.29 20.07 2.64
N ALA B 73 9.37 19.29 3.18
CA ALA B 73 8.41 18.55 2.38
C ALA B 73 7.02 18.85 2.94
N VAL B 74 6.11 19.25 2.06
CA VAL B 74 4.76 19.58 2.48
C VAL B 74 3.79 18.50 2.00
N VAL B 75 3.21 17.77 2.95
CA VAL B 75 2.26 16.71 2.64
C VAL B 75 0.83 17.20 2.80
N ASN B 76 -0.02 16.86 1.84
CA ASN B 76 -1.43 17.26 1.90
C ASN B 76 -1.99 16.80 3.24
N LYS B 77 -2.60 17.71 3.98
CA LYS B 77 -3.14 17.38 5.30
C LYS B 77 -4.22 16.30 5.27
N ASN B 78 -4.83 16.09 4.10
CA ASN B 78 -5.89 15.09 3.98
C ASN B 78 -5.40 13.74 3.43
N TYR B 79 -4.08 13.58 3.32
CA TYR B 79 -3.52 12.33 2.84
C TYR B 79 -3.94 11.19 3.78
N ASP B 80 -4.48 10.13 3.20
CA ASP B 80 -4.90 8.96 3.96
C ASP B 80 -4.19 7.76 3.35
N ASP B 81 -3.24 7.16 4.07
CA ASP B 81 -2.53 6.03 3.49
C ASP B 81 -3.28 4.72 3.56
N PHE B 82 -4.42 4.70 4.23
CA PHE B 82 -5.19 3.46 4.30
C PHE B 82 -6.17 3.42 3.13
N LEU B 83 -6.86 4.53 2.92
CA LEU B 83 -7.83 4.62 1.83
C LEU B 83 -7.14 5.03 0.53
N LEU B 84 -5.88 5.45 0.65
CA LEU B 84 -5.09 5.84 -0.52
C LEU B 84 -5.68 7.06 -1.23
N ARG B 85 -5.91 8.13 -0.47
CA ARG B 85 -6.48 9.35 -1.04
C ARG B 85 -5.59 10.56 -0.81
N ASN B 86 -5.70 11.54 -1.71
CA ASN B 86 -4.92 12.77 -1.59
C ASN B 86 -3.43 12.50 -1.47
N ASP B 87 -2.94 11.54 -2.26
CA ASP B 87 -1.53 11.17 -2.26
C ASP B 87 -0.73 12.19 -3.08
N VAL B 88 -0.43 13.32 -2.46
CA VAL B 88 0.30 14.38 -3.13
C VAL B 88 1.14 15.16 -2.12
N ALA B 89 2.32 15.57 -2.55
CA ALA B 89 3.22 16.33 -1.69
C ALA B 89 4.17 17.18 -2.52
N LEU B 90 4.70 18.21 -1.90
CA LEU B 90 5.66 19.09 -2.55
C LEU B 90 6.96 19.03 -1.78
N VAL B 91 8.06 19.07 -2.51
CA VAL B 91 9.38 19.06 -1.91
C VAL B 91 9.98 20.43 -2.22
N HIS B 92 10.28 21.19 -1.17
CA HIS B 92 10.87 22.53 -1.34
C HIS B 92 12.39 22.40 -1.34
N LEU B 93 13.03 23.04 -2.30
CA LEU B 93 14.48 23.01 -2.42
C LEU B 93 15.14 24.20 -1.70
N THR B 94 16.31 23.96 -1.12
CA THR B 94 17.03 25.01 -0.40
C THR B 94 17.57 26.03 -1.39
N ASN B 95 18.09 25.55 -2.51
CA ASN B 95 18.63 26.41 -3.56
C ASN B 95 17.86 26.15 -4.85
N PRO B 96 17.74 27.18 -5.70
CA PRO B 96 17.02 27.06 -6.98
C PRO B 96 17.68 26.19 -8.04
N ILE B 97 16.86 25.45 -8.78
CA ILE B 97 17.35 24.58 -9.83
C ILE B 97 17.77 25.43 -11.03
N LYS B 98 18.89 25.07 -11.64
CA LYS B 98 19.39 25.78 -12.82
C LYS B 98 18.90 25.03 -14.05
N PHE B 99 17.96 25.63 -14.78
CA PHE B 99 17.43 24.97 -15.97
C PHE B 99 18.40 24.98 -17.15
N ASN B 100 18.27 23.97 -18.00
CA ASN B 100 19.09 23.84 -19.20
C ASN B 100 18.41 22.84 -20.12
N ASP B 101 19.11 22.39 -21.16
CA ASP B 101 18.52 21.45 -22.10
C ASP B 101 18.11 20.12 -21.45
N LEU B 102 18.76 19.76 -20.36
CA LEU B 102 18.47 18.49 -19.69
C LEU B 102 17.60 18.64 -18.45
N VAL B 103 17.38 19.87 -18.02
CA VAL B 103 16.57 20.15 -16.83
C VAL B 103 15.54 21.23 -17.10
N GLN B 104 14.28 20.84 -17.15
CA GLN B 104 13.19 21.78 -17.41
C GLN B 104 11.95 21.42 -16.60
N PRO B 105 11.09 22.40 -16.32
CA PRO B 105 9.87 22.14 -15.55
C PRO B 105 8.79 21.61 -16.48
N ILE B 106 7.70 21.13 -15.90
CA ILE B 106 6.59 20.60 -16.66
C ILE B 106 5.32 21.33 -16.25
N LYS B 107 4.44 21.56 -17.22
CA LYS B 107 3.17 22.23 -16.97
C LYS B 107 2.17 21.26 -16.33
N LEU B 108 1.33 21.79 -15.45
CA LEU B 108 0.32 20.97 -14.79
C LEU B 108 -1.00 21.03 -15.56
N SER B 109 -1.71 19.91 -15.61
CA SER B 109 -2.98 19.87 -16.30
C SER B 109 -4.03 20.60 -15.48
N THR B 110 -4.76 21.50 -16.12
CA THR B 110 -5.81 22.26 -15.46
C THR B 110 -7.12 21.98 -16.18
N ASN B 111 -7.05 21.09 -17.16
CA ASN B 111 -8.21 20.72 -17.98
C ASN B 111 -8.04 19.29 -18.44
N ASP B 112 -8.87 18.39 -17.90
CA ASP B 112 -8.78 16.97 -18.25
C ASP B 112 -9.74 16.50 -19.33
N GLU B 113 -10.25 17.41 -20.16
CA GLU B 113 -11.18 17.01 -21.21
C GLU B 113 -10.53 16.18 -22.31
N ASP B 114 -11.25 15.17 -22.78
CA ASP B 114 -10.79 14.28 -23.85
C ASP B 114 -9.57 13.43 -23.55
N LEU B 115 -9.27 13.24 -22.27
CA LEU B 115 -8.14 12.42 -21.88
C LEU B 115 -8.45 10.93 -21.95
N GLU B 116 -9.62 10.55 -21.47
CA GLU B 116 -10.00 9.14 -21.45
C GLU B 116 -9.88 8.42 -22.77
N SER B 117 -9.44 7.17 -22.71
CA SER B 117 -9.27 6.32 -23.88
C SER B 117 -8.21 6.81 -24.84
N ASN B 118 -7.45 7.82 -24.43
CA ASN B 118 -6.39 8.37 -25.26
C ASN B 118 -5.02 8.09 -24.65
N PRO B 119 -3.96 8.16 -25.48
CA PRO B 119 -2.58 7.91 -25.02
C PRO B 119 -2.02 8.88 -23.99
N CYS B 120 -1.05 8.39 -23.24
CA CYS B 120 -0.36 9.18 -22.22
C CYS B 120 0.99 8.50 -22.03
N THR B 121 1.94 9.21 -21.42
CA THR B 121 3.28 8.69 -21.23
C THR B 121 3.67 8.63 -19.76
N LEU B 122 4.30 7.52 -19.39
CA LEU B 122 4.78 7.31 -18.02
C LEU B 122 6.28 7.05 -18.07
N THR B 123 7.01 7.63 -17.13
CA THR B 123 8.46 7.44 -17.06
C THR B 123 8.88 7.18 -15.62
N GLY B 124 9.94 6.41 -15.44
CA GLY B 124 10.41 6.10 -14.10
C GLY B 124 11.50 5.06 -14.05
N TRP B 125 12.06 4.87 -12.86
CA TRP B 125 13.11 3.89 -12.63
C TRP B 125 12.59 2.72 -11.81
N GLY B 126 11.28 2.52 -11.82
CA GLY B 126 10.72 1.42 -11.06
C GLY B 126 11.14 0.07 -11.63
N SER B 127 10.90 -0.99 -10.87
CA SER B 127 11.27 -2.33 -11.31
C SER B 127 10.63 -2.67 -12.65
N THR B 128 11.29 -3.51 -13.43
CA THR B 128 10.77 -3.90 -14.74
C THR B 128 9.98 -5.21 -14.63
N ARG B 129 9.82 -5.68 -13.40
CA ARG B 129 9.07 -6.90 -13.10
C ARG B 129 8.87 -6.94 -11.59
N LEU B 130 7.74 -7.45 -11.13
CA LEU B 130 7.49 -7.53 -9.69
C LEU B 130 8.62 -8.30 -9.02
N GLY B 131 9.18 -7.73 -7.95
CA GLY B 131 10.25 -8.39 -7.24
C GLY B 131 11.59 -8.25 -7.93
N GLY B 132 11.64 -7.45 -8.99
CA GLY B 132 12.88 -7.26 -9.71
C GLY B 132 13.67 -6.05 -9.26
N ASN B 133 14.92 -5.96 -9.70
CA ASN B 133 15.79 -4.84 -9.35
C ASN B 133 15.46 -3.61 -10.18
N THR B 134 15.84 -2.44 -9.69
CA THR B 134 15.59 -1.21 -10.41
C THR B 134 16.54 -1.12 -11.60
N PRO B 135 16.03 -0.71 -12.77
CA PRO B 135 16.87 -0.59 -13.96
C PRO B 135 17.75 0.65 -13.80
N ASN B 136 18.92 0.64 -14.42
CA ASN B 136 19.80 1.80 -14.32
C ASN B 136 19.29 2.92 -15.22
N ALA B 137 18.80 2.53 -16.38
CA ALA B 137 18.29 3.49 -17.37
C ALA B 137 16.81 3.83 -17.19
N LEU B 138 16.51 5.12 -17.25
CA LEU B 138 15.13 5.59 -17.13
C LEU B 138 14.31 4.90 -18.20
N GLN B 139 13.13 4.42 -17.82
CA GLN B 139 12.23 3.71 -18.72
C GLN B 139 11.05 4.60 -19.13
N GLU B 140 10.53 4.37 -20.32
CA GLU B 140 9.39 5.14 -20.80
C GLU B 140 8.36 4.14 -21.36
N ILE B 141 7.09 4.51 -21.33
CA ILE B 141 6.05 3.64 -21.84
C ILE B 141 4.81 4.45 -22.19
N GLU B 142 4.15 4.07 -23.28
CA GLU B 142 2.93 4.77 -23.67
C GLU B 142 1.76 3.94 -23.17
N LEU B 143 0.86 4.57 -22.45
CA LEU B 143 -0.30 3.90 -21.89
C LEU B 143 -1.58 4.55 -22.42
N ILE B 144 -2.71 4.11 -21.88
CA ILE B 144 -4.01 4.64 -22.26
C ILE B 144 -4.75 5.01 -20.98
N VAL B 145 -5.42 6.15 -20.97
CA VAL B 145 -6.17 6.56 -19.79
C VAL B 145 -7.45 5.72 -19.73
N HIS B 146 -7.60 4.99 -18.62
CA HIS B 146 -8.75 4.12 -18.41
C HIS B 146 -9.95 4.95 -17.95
N PRO B 147 -11.09 4.86 -18.67
CA PRO B 147 -12.28 5.62 -18.31
C PRO B 147 -12.58 5.55 -16.82
N GLN B 148 -12.79 6.70 -16.21
CA GLN B 148 -13.07 6.81 -14.78
C GLN B 148 -14.21 5.89 -14.34
N LYS B 149 -15.30 5.91 -15.10
CA LYS B 149 -16.46 5.08 -14.79
C LYS B 149 -16.07 3.61 -14.65
N GLN B 150 -15.18 3.15 -15.53
CA GLN B 150 -14.73 1.77 -15.49
C GLN B 150 -13.73 1.54 -14.37
N CYS B 151 -12.85 2.50 -14.16
CA CYS B 151 -11.85 2.35 -13.11
C CYS B 151 -12.50 2.27 -11.73
N GLU B 152 -13.62 2.99 -11.56
CA GLU B 152 -14.33 2.97 -10.29
C GLU B 152 -14.86 1.57 -9.98
N ARG B 153 -15.11 0.79 -11.03
CA ARG B 153 -15.62 -0.56 -10.87
C ARG B 153 -14.52 -1.60 -10.80
N ASP B 154 -13.36 -1.28 -11.38
CA ASP B 154 -12.22 -2.20 -11.41
C ASP B 154 -11.30 -2.17 -10.18
N GLN B 155 -11.09 -0.99 -9.61
CA GLN B 155 -10.21 -0.85 -8.44
C GLN B 155 -10.94 -0.55 -7.14
N TRP B 156 -10.18 -0.57 -6.05
CA TRP B 156 -10.72 -0.32 -4.72
C TRP B 156 -10.77 1.16 -4.34
N ARG B 157 -11.97 1.62 -3.99
CA ARG B 157 -12.23 2.99 -3.56
C ARG B 157 -11.61 4.12 -4.39
N VAL B 158 -11.80 4.05 -5.70
CA VAL B 158 -11.30 5.08 -6.60
C VAL B 158 -12.31 6.22 -6.55
N ILE B 159 -11.81 7.46 -6.44
CA ILE B 159 -12.68 8.62 -6.39
C ILE B 159 -12.32 9.61 -7.48
N ASP B 160 -13.03 10.73 -7.54
CA ASP B 160 -12.80 11.74 -8.56
C ASP B 160 -11.40 12.35 -8.62
N SER B 161 -10.68 12.35 -7.51
CA SER B 161 -9.33 12.91 -7.50
C SER B 161 -8.25 11.91 -7.89
N HIS B 162 -8.69 10.82 -8.54
CA HIS B 162 -7.81 9.78 -9.04
C HIS B 162 -7.99 9.74 -10.54
N ILE B 163 -6.98 9.24 -11.23
CA ILE B 163 -7.03 9.05 -12.67
C ILE B 163 -6.37 7.68 -12.89
N CYS B 164 -6.81 6.93 -13.89
CA CYS B 164 -6.24 5.60 -14.10
C CYS B 164 -5.72 5.34 -15.51
N THR B 165 -4.90 4.29 -15.62
CA THR B 165 -4.39 3.85 -16.91
C THR B 165 -4.49 2.34 -16.97
N LEU B 166 -4.55 1.81 -18.19
CA LEU B 166 -4.63 0.38 -18.39
C LEU B 166 -4.51 0.02 -19.85
N THR B 167 -3.67 -0.96 -20.13
CA THR B 167 -3.48 -1.46 -21.49
C THR B 167 -3.63 -2.97 -21.44
N LYS B 168 -2.63 -3.67 -20.91
CA LYS B 168 -2.70 -5.12 -20.82
C LYS B 168 -1.67 -5.69 -19.88
N ARG B 169 -1.80 -6.98 -19.56
CA ARG B 169 -0.85 -7.64 -18.69
C ARG B 169 0.53 -7.49 -19.33
N GLY B 170 1.51 -7.17 -18.51
CA GLY B 170 2.86 -7.01 -19.03
C GLY B 170 3.26 -5.58 -19.24
N GLU B 171 2.33 -4.65 -19.03
CA GLU B 171 2.60 -3.23 -19.17
C GLU B 171 2.03 -2.46 -17.99
N GLY B 172 2.86 -1.66 -17.32
CA GLY B 172 2.36 -0.91 -16.19
C GLY B 172 3.43 -0.39 -15.25
N ALA B 173 3.01 0.32 -14.23
CA ALA B 173 3.92 0.87 -13.23
C ALA B 173 4.36 -0.22 -12.26
N CYS B 174 5.46 0.03 -11.54
CA CYS B 174 5.93 -0.94 -10.57
C CYS B 174 6.68 -0.20 -9.46
N HIS B 175 7.04 -0.93 -8.41
CA HIS B 175 7.75 -0.35 -7.28
C HIS B 175 8.92 0.53 -7.72
N GLY B 176 8.96 1.75 -7.20
CA GLY B 176 10.01 2.69 -7.56
C GLY B 176 9.50 3.75 -8.53
N ASP B 177 8.33 3.53 -9.12
CA ASP B 177 7.75 4.49 -10.05
C ASP B 177 6.84 5.48 -9.33
N SER B 178 6.43 5.13 -8.13
CA SER B 178 5.55 5.99 -7.35
C SER B 178 6.08 7.41 -7.27
N GLY B 179 5.17 8.38 -7.33
CA GLY B 179 5.56 9.78 -7.25
C GLY B 179 5.91 10.35 -8.62
N GLY B 180 6.10 9.46 -9.59
CA GLY B 180 6.46 9.85 -10.93
C GLY B 180 5.36 10.52 -11.74
N PRO B 181 5.73 11.16 -12.86
CA PRO B 181 4.76 11.85 -13.72
C PRO B 181 4.13 11.10 -14.88
N LEU B 182 2.80 11.21 -14.97
CA LEU B 182 2.03 10.63 -16.06
C LEU B 182 1.71 11.87 -16.89
N VAL B 183 2.09 11.88 -18.16
CA VAL B 183 1.86 13.07 -18.97
C VAL B 183 1.10 12.83 -20.27
N ALA B 184 0.45 13.88 -20.74
CA ALA B 184 -0.31 13.83 -22.00
C ALA B 184 -0.41 15.24 -22.54
N ASN B 185 -0.16 15.40 -23.84
CA ASN B 185 -0.25 16.72 -24.46
C ASN B 185 0.70 17.74 -23.84
N GLY B 186 1.82 17.26 -23.30
CA GLY B 186 2.80 18.14 -22.71
C GLY B 186 2.47 18.67 -21.33
N ALA B 187 1.52 18.03 -20.66
CA ALA B 187 1.13 18.45 -19.31
C ALA B 187 1.03 17.23 -18.41
N GLN B 188 1.42 17.38 -17.15
CA GLN B 188 1.33 16.27 -16.21
C GLN B 188 -0.12 16.15 -15.75
N ILE B 189 -0.70 14.97 -15.94
CA ILE B 189 -2.09 14.72 -15.57
C ILE B 189 -2.20 13.81 -14.34
N GLY B 190 -1.12 13.13 -13.99
CA GLY B 190 -1.17 12.25 -12.84
C GLY B 190 0.14 11.99 -12.13
N ILE B 191 0.04 11.56 -10.87
CA ILE B 191 1.20 11.24 -10.03
C ILE B 191 1.02 9.75 -9.68
N VAL B 192 1.99 8.91 -10.02
CA VAL B 192 1.89 7.48 -9.71
C VAL B 192 1.62 7.28 -8.22
N SER B 193 0.54 6.58 -7.90
CA SER B 193 0.18 6.36 -6.50
C SER B 193 0.12 4.90 -6.10
N PHE B 194 -0.78 4.13 -6.74
CA PHE B 194 -0.90 2.72 -6.39
C PHE B 194 -1.46 1.88 -7.53
N GLY B 195 -1.54 0.57 -7.28
CA GLY B 195 -2.07 -0.33 -8.30
C GLY B 195 -2.09 -1.73 -7.75
N SER B 196 -1.97 -2.71 -8.64
CA SER B 196 -1.93 -4.11 -8.24
C SER B 196 -0.54 -4.57 -8.66
N PRO B 197 0.43 -4.42 -7.73
CA PRO B 197 1.82 -4.77 -7.91
C PRO B 197 2.31 -5.34 -9.22
N CYS B 198 2.46 -4.41 -10.16
CA CYS B 198 3.04 -4.62 -11.48
C CYS B 198 2.48 -5.40 -12.66
N ALA B 199 1.80 -4.64 -13.50
CA ALA B 199 1.25 -5.09 -14.77
C ALA B 199 0.61 -6.46 -14.82
N LEU B 200 -0.43 -6.66 -14.02
CA LEU B 200 -1.13 -7.93 -14.00
C LEU B 200 -2.48 -7.82 -14.69
N GLY B 201 -2.69 -6.75 -15.45
CA GLY B 201 -3.94 -6.59 -16.16
C GLY B 201 -4.99 -5.79 -15.42
N GLU B 202 -4.61 -5.18 -14.31
CA GLU B 202 -5.54 -4.35 -13.53
C GLU B 202 -5.03 -2.92 -13.68
N PRO B 203 -5.94 -1.94 -13.65
CA PRO B 203 -5.50 -0.54 -13.81
C PRO B 203 -4.57 0.00 -12.74
N ASP B 204 -3.68 0.91 -13.15
CA ASP B 204 -2.77 1.57 -12.24
C ASP B 204 -3.48 2.87 -11.88
N VAL B 205 -3.39 3.27 -10.62
CA VAL B 205 -4.08 4.47 -10.15
C VAL B 205 -3.11 5.61 -9.82
N TYR B 206 -3.47 6.80 -10.25
CA TYR B 206 -2.66 7.99 -10.03
C TYR B 206 -3.44 9.09 -9.35
N THR B 207 -2.73 10.01 -8.74
CA THR B 207 -3.37 11.15 -8.11
C THR B 207 -3.65 12.06 -9.31
N ARG B 208 -4.89 12.52 -9.45
CA ARG B 208 -5.24 13.39 -10.57
C ARG B 208 -4.74 14.81 -10.28
N VAL B 209 -3.75 15.25 -11.04
CA VAL B 209 -3.17 16.58 -10.84
C VAL B 209 -4.16 17.75 -10.84
N SER B 210 -5.06 17.77 -11.83
CA SER B 210 -6.04 18.86 -11.94
C SER B 210 -6.83 19.10 -10.67
N SER B 211 -7.05 18.04 -9.89
CA SER B 211 -7.81 18.14 -8.66
C SER B 211 -7.06 18.87 -7.54
N PHE B 212 -5.74 18.96 -7.66
CA PHE B 212 -4.94 19.61 -6.63
C PHE B 212 -4.15 20.84 -7.07
N VAL B 213 -4.48 21.39 -8.23
CA VAL B 213 -3.77 22.58 -8.71
C VAL B 213 -3.81 23.71 -7.68
N SER B 214 -4.98 23.93 -7.10
CA SER B 214 -5.16 24.99 -6.10
C SER B 214 -4.29 24.73 -4.88
N TRP B 215 -4.30 23.50 -4.39
CA TRP B 215 -3.52 23.13 -3.22
C TRP B 215 -2.03 23.29 -3.52
N ILE B 216 -1.62 22.91 -4.73
CA ILE B 216 -0.23 23.02 -5.13
C ILE B 216 0.22 24.47 -5.14
N ASN B 217 -0.55 25.33 -5.81
CA ASN B 217 -0.21 26.76 -5.89
C ASN B 217 -0.15 27.42 -4.52
N ALA B 218 -1.01 26.98 -3.60
CA ALA B 218 -1.06 27.54 -2.26
C ALA B 218 0.12 27.13 -1.39
N ASN B 219 0.76 26.01 -1.73
CA ASN B 219 1.89 25.54 -0.94
C ASN B 219 3.26 25.62 -1.62
N LEU B 220 3.32 26.31 -2.74
CA LEU B 220 4.57 26.50 -3.46
C LEU B 220 5.51 27.32 -2.57
N LYS B 221 6.81 27.06 -2.66
CA LYS B 221 7.77 27.80 -1.85
C LYS B 221 7.62 29.30 -2.10
N LYS B 222 7.90 30.11 -1.09
CA LYS B 222 7.78 31.55 -1.22
C LYS B 222 8.88 32.12 -2.11
C PMS C . -4.38 -4.78 2.09
S PMS C . -5.43 -4.60 3.52
C1 PMS C . -4.37 -6.06 1.30
C2 PMS C . -3.72 -7.20 1.70
C3 PMS C . -3.60 -8.44 1.12
C4 PMS C . -4.24 -8.67 -0.14
C5 PMS C . -4.96 -7.53 -0.65
C6 PMS C . -5.04 -6.26 0.02
O2S PMS C . -5.48 -3.28 4.00
O1S PMS C . -6.88 -4.99 3.28
C PMS D . 3.72 1.85 -5.40
S PMS D . 5.05 3.02 -5.33
C1 PMS D . 3.25 1.29 -6.72
C2 PMS D . 2.42 1.96 -7.58
C3 PMS D . 1.89 1.61 -8.80
C4 PMS D . 2.19 0.33 -9.34
C5 PMS D . 3.06 -0.47 -8.51
C6 PMS D . 3.58 -0.04 -7.24
O2S PMS D . 5.48 3.28 -4.00
O1S PMS D . 6.29 2.60 -6.09
#